data_1A7C
#
_entry.id   1A7C
#
_cell.length_a   63.120
_cell.length_b   83.370
_cell.length_c   101.780
_cell.angle_alpha   90.00
_cell.angle_beta   90.00
_cell.angle_gamma   90.00
#
_symmetry.space_group_name_H-M   'P 21 21 21'
#
loop_
_entity.id
_entity.type
_entity.pdbx_description
1 polymer 'PLASMINOGEN ACTIVATOR INHIBITOR TYPE 1'
2 polymer PENTAPEPTIDE
3 branched 2-acetamido-2-deoxy-beta-D-glucopyranose-(1-4)-[beta-D-ribopyranose-(1-6)]2-acetamido-2-deoxy-beta-D-glucopyranose
4 non-polymer 2-acetamido-2-deoxy-beta-D-glucopyranose
5 water water
#
loop_
_entity_poly.entity_id
_entity_poly.type
_entity_poly.pdbx_seq_one_letter_code
_entity_poly.pdbx_strand_id
1 'polypeptide(L)'
;VHHPPSYVAHLASDFGVRVFQQVAQASKDRNVVFSPYGVASVLAMLQLTTGGETQQQIQAAMGFKIDDKGMAPALRHLYK
ELMGPWNKDEISTTDAIFVQRDLKLVQGFMPHFFRLFRSTVKQVDFSEVERARFIINDWVKTHTKGMISNLLGKGAVDQL
TRLVLVNALYFNGQWKTPFPDSSTHRRLFHKSDGSTVSVPMMAQTNKFNYTEFTTPDGHYYDILELPYHGDTLSMFIAAP
YEKEVPLSALTNILSAQLISHWKGNMTRLPRLLVLPKFSLETEVDLRKPLENLGMTDMFRQFQADFTSLSDQEPLHVAQA
LQKVKIEVNESGTVESSSTAVIVSARMAPEEIIMDRPFLFVVRHNPTGTVLFMGQVMEP
;
A
2 'polypeptide(L)' (ACE)TVASS(NH2) B,C
#
loop_
_chem_comp.id
_chem_comp.type
_chem_comp.name
_chem_comp.formula
ACE non-polymer 'ACETYL GROUP' 'C2 H4 O'
NAG D-saccharide, beta linking 2-acetamido-2-deoxy-beta-D-glucopyranose 'C8 H15 N O6'
NH2 non-polymer 'AMINO GROUP' 'H2 N'
RIP D-saccharide, beta linking beta-D-ribopyranose 'C5 H10 O5'
#
# COMPACT_ATOMS: atom_id res chain seq x y z
N HIS A 2 -19.23 -17.30 4.93
CA HIS A 2 -18.98 -15.83 4.89
C HIS A 2 -18.13 -15.37 6.08
N HIS A 3 -16.96 -14.82 5.79
CA HIS A 3 -16.03 -14.32 6.81
C HIS A 3 -15.89 -12.81 6.61
N PRO A 4 -16.61 -12.00 7.41
CA PRO A 4 -16.58 -10.54 7.33
C PRO A 4 -15.20 -9.87 7.24
N PRO A 5 -14.21 -10.29 8.06
CA PRO A 5 -12.89 -9.64 7.96
C PRO A 5 -12.26 -9.81 6.59
N SER A 6 -12.48 -10.98 5.97
CA SER A 6 -11.94 -11.26 4.64
C SER A 6 -12.67 -10.47 3.59
N TYR A 7 -13.99 -10.35 3.74
CA TYR A 7 -14.81 -9.60 2.80
C TYR A 7 -14.34 -8.16 2.72
N VAL A 8 -14.09 -7.55 3.88
CA VAL A 8 -13.63 -6.18 3.93
C VAL A 8 -12.22 -6.06 3.37
N ALA A 9 -11.40 -7.08 3.63
CA ALA A 9 -10.02 -7.09 3.14
C ALA A 9 -9.98 -7.10 1.61
N HIS A 10 -10.88 -7.86 0.99
CA HIS A 10 -10.93 -7.94 -0.46
C HIS A 10 -11.37 -6.63 -1.10
N LEU A 11 -12.37 -5.98 -0.51
CA LEU A 11 -12.86 -4.71 -1.03
C LEU A 11 -11.77 -3.65 -0.92
N ALA A 12 -11.11 -3.60 0.23
CA ALA A 12 -10.05 -2.63 0.49
C ALA A 12 -8.91 -2.85 -0.51
N SER A 13 -8.53 -4.11 -0.70
CA SER A 13 -7.44 -4.45 -1.62
C SER A 13 -7.80 -4.13 -3.06
N ASP A 14 -9.04 -4.39 -3.45
CA ASP A 14 -9.49 -4.11 -4.81
C ASP A 14 -9.34 -2.61 -5.11
N PHE A 15 -9.81 -1.79 -4.16
CA PHE A 15 -9.74 -0.34 -4.28
C PHE A 15 -8.29 0.11 -4.33
N GLY A 16 -7.48 -0.42 -3.41
CA GLY A 16 -6.07 -0.08 -3.34
C GLY A 16 -5.31 -0.40 -4.61
N VAL A 17 -5.60 -1.55 -5.22
CA VAL A 17 -4.95 -1.95 -6.47
C VAL A 17 -5.39 -1.03 -7.63
N ARG A 18 -6.65 -0.58 -7.61
CA ARG A 18 -7.14 0.33 -8.65
C ARG A 18 -6.43 1.68 -8.54
N VAL A 19 -6.11 2.08 -7.31
CA VAL A 19 -5.39 3.33 -7.10
C VAL A 19 -3.95 3.16 -7.62
N PHE A 20 -3.33 2.01 -7.33
CA PHE A 20 -1.98 1.74 -7.82
C PHE A 20 -1.92 1.80 -9.34
N GLN A 21 -2.91 1.21 -9.98
CA GLN A 21 -2.99 1.18 -11.44
C GLN A 21 -2.92 2.59 -12.01
N GLN A 22 -3.61 3.53 -11.36
CA GLN A 22 -3.61 4.93 -11.79
C GLN A 22 -2.22 5.52 -11.62
N VAL A 23 -1.59 5.20 -10.49
CA VAL A 23 -0.25 5.70 -10.20
C VAL A 23 0.77 5.18 -11.19
N ALA A 24 0.70 3.88 -11.47
CA ALA A 24 1.62 3.23 -12.40
C ALA A 24 1.52 3.82 -13.79
N GLN A 25 0.29 4.02 -14.27
CA GLN A 25 0.07 4.58 -15.60
C GLN A 25 0.60 6.00 -15.73
N ALA A 26 0.63 6.74 -14.62
CA ALA A 26 1.13 8.10 -14.60
C ALA A 26 2.64 8.12 -14.79
N SER A 27 3.35 7.37 -13.94
CA SER A 27 4.80 7.30 -14.01
C SER A 27 5.20 5.92 -14.53
N LYS A 28 4.92 5.68 -15.82
CA LYS A 28 5.19 4.39 -16.45
C LYS A 28 6.61 3.83 -16.45
N ASP A 29 7.63 4.68 -16.32
CA ASP A 29 9.00 4.17 -16.33
C ASP A 29 9.80 4.48 -15.07
N ARG A 30 9.11 4.84 -14.00
CA ARG A 30 9.75 5.13 -12.71
C ARG A 30 9.45 4.04 -11.70
N ASN A 31 10.36 3.86 -10.73
CA ASN A 31 10.15 2.87 -9.67
C ASN A 31 8.95 3.37 -8.86
N VAL A 32 8.08 2.45 -8.46
CA VAL A 32 6.94 2.82 -7.64
C VAL A 32 6.69 1.75 -6.60
N VAL A 33 6.77 2.12 -5.32
CA VAL A 33 6.47 1.19 -4.24
C VAL A 33 5.21 1.81 -3.61
N PHE A 34 4.19 0.99 -3.39
CA PHE A 34 2.90 1.48 -2.93
C PHE A 34 2.23 0.56 -1.92
N SER A 35 1.29 1.09 -1.15
CA SER A 35 0.55 0.29 -0.18
C SER A 35 -0.96 0.36 -0.39
N PRO A 36 -1.54 -0.66 -1.05
CA PRO A 36 -2.98 -0.70 -1.30
C PRO A 36 -3.79 -0.64 0.02
N TYR A 37 -3.34 -1.37 1.03
CA TYR A 37 -4.02 -1.38 2.31
C TYR A 37 -3.91 0.00 2.99
N GLY A 38 -2.74 0.62 2.86
CA GLY A 38 -2.53 1.94 3.45
C GLY A 38 -3.47 3.01 2.92
N VAL A 39 -3.62 3.08 1.59
CA VAL A 39 -4.50 4.08 0.99
C VAL A 39 -5.96 3.78 1.31
N ALA A 40 -6.30 2.50 1.43
CA ALA A 40 -7.67 2.12 1.76
C ALA A 40 -8.01 2.51 3.19
N SER A 41 -7.02 2.40 4.08
CA SER A 41 -7.21 2.76 5.49
C SER A 41 -7.46 4.24 5.64
N VAL A 42 -6.67 5.04 4.92
CA VAL A 42 -6.80 6.50 4.97
C VAL A 42 -8.15 6.95 4.40
N LEU A 43 -8.56 6.34 3.28
CA LEU A 43 -9.84 6.70 2.67
C LEU A 43 -11.03 6.24 3.52
N ALA A 44 -10.83 5.18 4.29
CA ALA A 44 -11.89 4.69 5.18
C ALA A 44 -12.16 5.72 6.26
N MET A 45 -11.08 6.30 6.81
CA MET A 45 -11.20 7.34 7.83
C MET A 45 -11.84 8.59 7.22
N LEU A 46 -11.49 8.85 5.97
CA LEU A 46 -12.02 10.00 5.25
C LEU A 46 -13.55 9.88 5.11
N GLN A 47 -14.05 8.64 5.01
CA GLN A 47 -15.49 8.41 4.90
C GLN A 47 -16.21 8.89 6.16
N LEU A 48 -15.57 8.68 7.30
CA LEU A 48 -16.16 9.07 8.57
C LEU A 48 -16.17 10.59 8.80
N THR A 49 -15.23 11.30 8.19
CA THR A 49 -15.14 12.75 8.37
C THR A 49 -15.91 13.55 7.31
N THR A 50 -16.29 12.91 6.21
CA THR A 50 -17.02 13.60 5.15
C THR A 50 -18.51 13.32 5.16
N GLY A 51 -19.25 14.09 4.37
CA GLY A 51 -20.68 13.92 4.28
C GLY A 51 -21.17 14.27 2.90
N GLY A 52 -22.48 14.20 2.71
CA GLY A 52 -23.08 14.54 1.43
C GLY A 52 -22.48 13.85 0.23
N GLU A 53 -22.35 14.58 -0.86
CA GLU A 53 -21.81 14.05 -2.10
C GLU A 53 -20.33 13.67 -2.00
N THR A 54 -19.58 14.36 -1.14
CA THR A 54 -18.16 14.08 -0.93
C THR A 54 -17.98 12.66 -0.41
N GLN A 55 -18.75 12.33 0.63
CA GLN A 55 -18.71 11.01 1.23
C GLN A 55 -19.20 9.95 0.24
N GLN A 56 -20.22 10.31 -0.52
CA GLN A 56 -20.82 9.43 -1.50
C GLN A 56 -19.84 8.99 -2.59
N GLN A 57 -18.99 9.91 -3.04
CA GLN A 57 -17.99 9.62 -4.07
C GLN A 57 -16.94 8.64 -3.55
N ILE A 58 -16.55 8.80 -2.28
CA ILE A 58 -15.56 7.93 -1.66
C ILE A 58 -16.16 6.53 -1.51
N GLN A 59 -17.40 6.47 -1.01
CA GLN A 59 -18.09 5.19 -0.81
C GLN A 59 -18.33 4.45 -2.12
N ALA A 60 -18.66 5.18 -3.18
CA ALA A 60 -18.90 4.57 -4.48
C ALA A 60 -17.60 3.94 -5.00
N ALA A 61 -16.49 4.65 -4.83
CA ALA A 61 -15.20 4.16 -5.29
C ALA A 61 -14.70 2.96 -4.47
N MET A 62 -14.93 3.00 -3.16
CA MET A 62 -14.47 1.91 -2.29
C MET A 62 -15.34 0.67 -2.30
N GLY A 63 -16.62 0.83 -2.62
CA GLY A 63 -17.54 -0.29 -2.66
C GLY A 63 -18.20 -0.66 -1.35
N PHE A 64 -17.96 0.13 -0.30
CA PHE A 64 -18.58 -0.14 1.00
C PHE A 64 -18.65 1.10 1.88
N LYS A 65 -19.55 1.07 2.86
CA LYS A 65 -19.75 2.16 3.81
C LYS A 65 -19.16 1.73 5.14
N ILE A 66 -18.27 2.56 5.66
CA ILE A 66 -17.58 2.30 6.91
C ILE A 66 -18.51 2.22 8.13
N ASP A 67 -19.61 2.97 8.11
CA ASP A 67 -20.55 2.99 9.23
C ASP A 67 -21.74 2.02 9.16
N ASP A 68 -21.71 1.07 8.24
CA ASP A 68 -22.78 0.09 8.15
C ASP A 68 -22.73 -0.79 9.40
N LYS A 69 -23.89 -1.22 9.88
CA LYS A 69 -23.97 -2.07 11.06
C LYS A 69 -23.13 -3.33 10.84
N GLY A 70 -22.18 -3.58 11.72
CA GLY A 70 -21.35 -4.76 11.58
C GLY A 70 -19.92 -4.55 11.09
N MET A 71 -19.59 -3.33 10.68
CA MET A 71 -18.25 -3.02 10.20
C MET A 71 -17.21 -2.92 11.32
N ALA A 72 -17.61 -2.38 12.47
CA ALA A 72 -16.68 -2.23 13.58
C ALA A 72 -15.98 -3.54 13.97
N PRO A 73 -16.75 -4.60 14.26
CA PRO A 73 -16.06 -5.85 14.62
C PRO A 73 -15.30 -6.51 13.46
N ALA A 74 -15.82 -6.37 12.23
CA ALA A 74 -15.14 -6.94 11.07
C ALA A 74 -13.77 -6.29 10.90
N LEU A 75 -13.72 -4.97 11.06
CA LEU A 75 -12.48 -4.22 10.96
C LEU A 75 -11.57 -4.54 12.14
N ARG A 76 -12.14 -4.56 13.34
CA ARG A 76 -11.38 -4.86 14.55
C ARG A 76 -10.68 -6.22 14.39
N HIS A 77 -11.42 -7.19 13.89
CA HIS A 77 -10.88 -8.54 13.68
C HIS A 77 -9.86 -8.61 12.55
N LEU A 78 -10.03 -7.77 11.52
CA LEU A 78 -9.07 -7.76 10.43
C LEU A 78 -7.73 -7.26 10.95
N TYR A 79 -7.74 -6.22 11.79
CA TYR A 79 -6.51 -5.67 12.38
C TYR A 79 -5.79 -6.76 13.13
N LYS A 80 -6.55 -7.54 13.92
CA LYS A 80 -6.01 -8.64 14.71
C LYS A 80 -5.48 -9.80 13.86
N GLU A 81 -6.15 -10.09 12.75
CA GLU A 81 -5.72 -11.16 11.86
C GLU A 81 -4.34 -10.86 11.29
N LEU A 82 -4.14 -9.60 10.92
CA LEU A 82 -2.87 -9.15 10.35
C LEU A 82 -1.73 -9.06 11.36
N MET A 83 -2.04 -8.61 12.57
CA MET A 83 -1.02 -8.42 13.60
C MET A 83 -0.81 -9.58 14.57
N GLY A 84 -1.66 -10.60 14.49
CA GLY A 84 -1.53 -11.73 15.39
C GLY A 84 -0.17 -12.40 15.36
N PRO A 85 0.32 -12.88 16.53
CA PRO A 85 1.62 -13.56 16.64
C PRO A 85 1.73 -14.85 15.83
N TRP A 86 0.59 -15.46 15.51
CA TRP A 86 0.57 -16.69 14.73
C TRP A 86 1.07 -16.52 13.30
N ASN A 87 1.22 -15.26 12.87
CA ASN A 87 1.71 -14.94 11.53
C ASN A 87 3.24 -15.10 11.48
N LYS A 88 3.86 -15.02 12.66
CA LYS A 88 5.32 -15.12 12.84
C LYS A 88 5.99 -13.87 12.28
N ASP A 89 5.79 -13.63 10.99
CA ASP A 89 6.31 -12.43 10.36
C ASP A 89 5.54 -11.26 10.95
N GLU A 90 6.24 -10.15 11.16
CA GLU A 90 5.69 -8.98 11.81
C GLU A 90 4.94 -7.97 10.96
N ILE A 91 3.75 -7.60 11.42
CA ILE A 91 2.92 -6.57 10.77
C ILE A 91 2.38 -5.68 11.88
N SER A 92 2.50 -4.38 11.66
CA SER A 92 2.00 -3.41 12.61
C SER A 92 1.33 -2.31 11.81
N THR A 93 0.07 -2.04 12.11
CA THR A 93 -0.69 -1.00 11.43
C THR A 93 -1.43 -0.16 12.47
N THR A 94 -1.32 1.16 12.34
CA THR A 94 -1.97 2.08 13.26
C THR A 94 -2.54 3.26 12.49
N ASP A 95 -3.76 3.64 12.81
CA ASP A 95 -4.41 4.77 12.16
C ASP A 95 -4.43 5.91 13.17
N ALA A 96 -4.34 7.13 12.68
CA ALA A 96 -4.38 8.28 13.56
C ALA A 96 -4.98 9.49 12.86
N ILE A 97 -5.59 10.34 13.67
CA ILE A 97 -6.21 11.56 13.19
C ILE A 97 -5.70 12.69 14.10
N PHE A 98 -5.13 13.71 13.47
CA PHE A 98 -4.61 14.87 14.20
C PHE A 98 -5.50 16.04 13.79
N VAL A 99 -6.20 16.62 14.75
CA VAL A 99 -7.10 17.73 14.45
C VAL A 99 -6.81 18.99 15.27
N GLN A 100 -7.06 20.15 14.66
CA GLN A 100 -6.85 21.45 15.30
C GLN A 100 -7.63 21.44 16.63
N ARG A 101 -6.95 21.73 17.73
CA ARG A 101 -7.58 21.69 19.05
C ARG A 101 -8.83 22.54 19.28
N ASP A 102 -8.81 23.77 18.79
CA ASP A 102 -9.97 24.64 18.98
C ASP A 102 -11.09 24.44 17.95
N LEU A 103 -11.01 23.37 17.17
CA LEU A 103 -12.04 23.08 16.17
C LEU A 103 -13.16 22.26 16.83
N LYS A 104 -14.39 22.79 16.78
CA LYS A 104 -15.54 22.11 17.39
C LYS A 104 -16.00 20.93 16.56
N LEU A 105 -15.88 19.74 17.14
CA LEU A 105 -16.25 18.52 16.47
C LEU A 105 -17.72 18.19 16.65
N VAL A 106 -18.29 17.47 15.69
CA VAL A 106 -19.66 17.03 15.77
C VAL A 106 -19.70 16.06 16.95
N GLN A 107 -20.76 16.13 17.75
CA GLN A 107 -20.85 15.24 18.91
C GLN A 107 -20.95 13.77 18.54
N GLY A 108 -20.21 12.95 19.27
CA GLY A 108 -20.21 11.53 19.02
C GLY A 108 -19.15 11.12 18.02
N PHE A 109 -18.41 12.09 17.47
CA PHE A 109 -17.37 11.79 16.49
C PHE A 109 -16.22 10.99 17.11
N MET A 110 -15.66 11.50 18.20
CA MET A 110 -14.53 10.84 18.86
C MET A 110 -14.78 9.39 19.27
N PRO A 111 -15.96 9.09 19.87
CA PRO A 111 -16.25 7.71 20.26
C PRO A 111 -16.38 6.82 19.03
N HIS A 112 -17.08 7.34 18.03
CA HIS A 112 -17.31 6.65 16.77
C HIS A 112 -15.99 6.30 16.07
N PHE A 113 -15.06 7.24 16.08
CA PHE A 113 -13.75 7.04 15.46
C PHE A 113 -13.01 5.93 16.19
N PHE A 114 -13.03 5.97 17.51
CA PHE A 114 -12.36 4.96 18.31
C PHE A 114 -12.93 3.57 18.07
N ARG A 115 -14.26 3.49 18.00
CA ARG A 115 -14.95 2.22 17.78
C ARG A 115 -14.52 1.52 16.48
N LEU A 116 -14.29 2.31 15.44
CA LEU A 116 -13.89 1.77 14.15
C LEU A 116 -12.38 1.63 13.94
N PHE A 117 -11.62 2.61 14.38
CA PHE A 117 -10.18 2.58 14.15
C PHE A 117 -9.28 2.31 15.34
N ARG A 118 -9.89 1.98 16.49
CA ARG A 118 -9.17 1.66 17.71
C ARG A 118 -7.98 2.56 18.04
N SER A 119 -8.18 3.86 17.82
CA SER A 119 -7.17 4.87 18.08
C SER A 119 -7.89 6.15 18.52
N THR A 120 -7.36 6.85 19.51
CA THR A 120 -7.99 8.09 19.99
C THR A 120 -7.56 9.33 19.21
N VAL A 121 -8.50 10.26 19.03
CA VAL A 121 -8.25 11.50 18.30
C VAL A 121 -7.20 12.37 18.99
N LYS A 122 -6.16 12.74 18.26
CA LYS A 122 -5.09 13.58 18.79
C LYS A 122 -5.32 15.04 18.41
N GLN A 123 -5.16 15.94 19.39
CA GLN A 123 -5.35 17.36 19.15
C GLN A 123 -4.06 18.16 19.22
N VAL A 124 -3.76 18.86 18.13
CA VAL A 124 -2.57 19.69 18.03
C VAL A 124 -2.97 21.10 17.65
N ASP A 125 -1.99 22.01 17.69
CA ASP A 125 -2.24 23.39 17.30
C ASP A 125 -1.40 23.66 16.06
N PHE A 126 -2.05 23.71 14.91
CA PHE A 126 -1.38 23.96 13.64
C PHE A 126 -0.83 25.38 13.45
N SER A 127 -1.22 26.32 14.33
CA SER A 127 -0.70 27.69 14.22
C SER A 127 0.79 27.69 14.57
N GLU A 128 1.20 26.72 15.39
CA GLU A 128 2.60 26.52 15.76
C GLU A 128 3.05 25.43 14.78
N VAL A 129 3.15 25.81 13.51
CA VAL A 129 3.49 24.93 12.40
C VAL A 129 4.58 23.88 12.62
N GLU A 130 5.81 24.31 12.90
CA GLU A 130 6.93 23.38 13.11
C GLU A 130 6.73 22.39 14.24
N ARG A 131 6.03 22.83 15.28
CA ARG A 131 5.73 22.00 16.44
C ARG A 131 4.76 20.88 16.01
N ALA A 132 3.68 21.25 15.34
CA ALA A 132 2.67 20.30 14.90
C ALA A 132 3.25 19.33 13.88
N ARG A 133 4.07 19.83 12.96
CA ARG A 133 4.69 18.97 11.96
C ARG A 133 5.60 17.94 12.60
N PHE A 134 6.36 18.36 13.61
CA PHE A 134 7.25 17.46 14.33
C PHE A 134 6.45 16.38 15.06
N ILE A 135 5.40 16.78 15.76
CA ILE A 135 4.57 15.84 16.49
C ILE A 135 4.06 14.71 15.59
N ILE A 136 3.57 15.07 14.41
CA ILE A 136 3.07 14.08 13.46
C ILE A 136 4.18 13.23 12.87
N ASN A 137 5.26 13.87 12.41
CA ASN A 137 6.39 13.15 11.83
C ASN A 137 7.02 12.19 12.83
N ASP A 138 7.05 12.60 14.09
CA ASP A 138 7.61 11.78 15.16
C ASP A 138 6.73 10.57 15.45
N TRP A 139 5.42 10.77 15.40
CA TRP A 139 4.47 9.69 15.63
C TRP A 139 4.64 8.64 14.54
N VAL A 140 4.77 9.08 13.29
CA VAL A 140 4.95 8.18 12.16
C VAL A 140 6.28 7.44 12.26
N LYS A 141 7.34 8.15 12.66
CA LYS A 141 8.66 7.54 12.81
C LYS A 141 8.60 6.40 13.82
N THR A 142 7.98 6.67 14.95
CA THR A 142 7.82 5.69 16.01
C THR A 142 7.04 4.46 15.56
N HIS A 143 5.92 4.67 14.87
CA HIS A 143 5.08 3.59 14.40
C HIS A 143 5.53 2.83 13.14
N THR A 144 6.61 3.29 12.51
CA THR A 144 7.16 2.60 11.35
C THR A 144 8.59 2.17 11.74
N LYS A 145 8.81 2.11 13.05
CA LYS A 145 10.09 1.73 13.65
C LYS A 145 11.27 2.48 13.03
N GLY A 146 11.09 3.77 12.85
CA GLY A 146 12.14 4.61 12.30
C GLY A 146 12.34 4.60 10.79
N MET A 147 11.55 3.81 10.06
CA MET A 147 11.72 3.76 8.61
C MET A 147 11.24 4.98 7.84
N ILE A 148 10.12 5.55 8.25
CA ILE A 148 9.57 6.75 7.62
C ILE A 148 9.78 7.84 8.65
N SER A 149 10.83 8.62 8.49
CA SER A 149 11.18 9.66 9.44
C SER A 149 10.72 11.10 9.17
N ASN A 150 10.45 11.41 7.92
CA ASN A 150 10.03 12.76 7.57
C ASN A 150 8.83 12.71 6.61
N LEU A 151 7.70 12.20 7.09
CA LEU A 151 6.51 12.07 6.26
C LEU A 151 6.06 13.41 5.65
N LEU A 152 5.82 14.39 6.51
CA LEU A 152 5.39 15.71 6.09
C LEU A 152 6.56 16.68 5.95
N GLY A 153 6.84 17.09 4.72
CA GLY A 153 7.93 18.02 4.50
C GLY A 153 7.52 19.42 4.86
N LYS A 154 8.47 20.36 4.88
CA LYS A 154 8.17 21.75 5.19
C LYS A 154 7.20 22.27 4.12
N GLY A 155 6.14 22.94 4.57
CA GLY A 155 5.16 23.45 3.62
C GLY A 155 3.96 22.53 3.39
N ALA A 156 4.09 21.27 3.81
CA ALA A 156 3.01 20.28 3.67
C ALA A 156 1.85 20.68 4.59
N VAL A 157 2.20 21.27 5.73
CA VAL A 157 1.24 21.76 6.69
C VAL A 157 1.56 23.22 6.98
N ASP A 158 0.53 23.98 7.33
CA ASP A 158 0.69 25.39 7.67
C ASP A 158 -0.38 25.78 8.66
N GLN A 159 -0.50 27.08 8.90
CA GLN A 159 -1.46 27.59 9.86
C GLN A 159 -2.92 27.39 9.47
N LEU A 160 -3.17 27.12 8.19
CA LEU A 160 -4.53 26.89 7.72
C LEU A 160 -4.93 25.42 7.77
N THR A 161 -3.98 24.56 8.10
CA THR A 161 -4.25 23.13 8.21
C THR A 161 -5.18 22.89 9.40
N ARG A 162 -6.13 21.98 9.25
CA ARG A 162 -7.07 21.69 10.32
C ARG A 162 -7.17 20.22 10.65
N LEU A 163 -6.78 19.37 9.70
CA LEU A 163 -6.89 17.93 9.89
C LEU A 163 -5.83 17.13 9.12
N VAL A 164 -5.22 16.16 9.79
CA VAL A 164 -4.24 15.28 9.14
C VAL A 164 -4.59 13.83 9.47
N LEU A 165 -4.79 13.02 8.44
CA LEU A 165 -5.12 11.61 8.61
C LEU A 165 -3.93 10.77 8.16
N VAL A 166 -3.51 9.83 8.99
CA VAL A 166 -2.38 8.98 8.64
C VAL A 166 -2.54 7.53 9.06
N ASN A 167 -1.97 6.65 8.24
CA ASN A 167 -1.93 5.24 8.52
C ASN A 167 -0.44 4.88 8.52
N ALA A 168 0.01 4.24 9.59
CA ALA A 168 1.40 3.81 9.69
C ALA A 168 1.39 2.28 9.54
N LEU A 169 2.05 1.80 8.50
CA LEU A 169 2.12 0.36 8.24
C LEU A 169 3.58 -0.09 8.23
N TYR A 170 3.85 -1.16 8.98
CA TYR A 170 5.20 -1.71 9.07
C TYR A 170 5.17 -3.22 8.90
N PHE A 171 6.06 -3.73 8.07
CA PHE A 171 6.16 -5.15 7.79
C PHE A 171 7.60 -5.63 7.86
N ASN A 172 7.84 -6.70 8.60
CA ASN A 172 9.17 -7.29 8.73
C ASN A 172 9.04 -8.79 8.58
N GLY A 173 9.47 -9.31 7.44
CA GLY A 173 9.37 -10.73 7.20
C GLY A 173 10.67 -11.42 6.88
N GLN A 174 10.70 -12.71 7.15
CA GLN A 174 11.86 -13.52 6.86
C GLN A 174 11.40 -14.61 5.88
N TRP A 175 12.19 -14.86 4.84
CA TRP A 175 11.86 -15.87 3.83
C TRP A 175 11.74 -17.25 4.46
N LYS A 176 10.89 -18.09 3.90
CA LYS A 176 10.74 -19.45 4.41
C LYS A 176 12.02 -20.21 4.10
N THR A 177 12.61 -19.89 2.95
CA THR A 177 13.88 -20.48 2.50
C THR A 177 14.71 -19.32 1.96
N PRO A 178 15.60 -18.78 2.79
CA PRO A 178 16.46 -17.65 2.40
C PRO A 178 17.38 -17.92 1.23
N PHE A 179 17.86 -16.86 0.60
CA PHE A 179 18.76 -16.99 -0.54
C PHE A 179 20.17 -17.11 0.04
N PRO A 180 20.96 -18.06 -0.48
CA PRO A 180 22.34 -18.26 0.00
C PRO A 180 23.14 -17.00 -0.28
N ASP A 181 23.71 -16.42 0.77
CA ASP A 181 24.50 -15.21 0.63
C ASP A 181 25.61 -15.35 -0.43
N SER A 182 26.15 -16.55 -0.54
CA SER A 182 27.21 -16.85 -1.50
C SER A 182 26.79 -16.78 -2.97
N SER A 183 25.51 -17.02 -3.26
CA SER A 183 25.02 -17.00 -4.64
C SER A 183 24.78 -15.61 -5.22
N THR A 184 24.88 -14.59 -4.38
CA THR A 184 24.65 -13.22 -4.82
C THR A 184 25.85 -12.58 -5.52
N HIS A 185 25.61 -12.08 -6.72
CA HIS A 185 26.65 -11.39 -7.48
C HIS A 185 26.01 -10.49 -8.52
N ARG A 186 26.79 -9.53 -9.00
CA ARG A 186 26.31 -8.57 -9.98
C ARG A 186 25.98 -9.18 -11.33
N ARG A 187 24.85 -8.75 -11.88
CA ARG A 187 24.40 -9.20 -13.19
C ARG A 187 23.76 -8.00 -13.87
N LEU A 188 23.63 -8.10 -15.19
CA LEU A 188 23.06 -7.02 -15.95
C LEU A 188 21.54 -7.02 -15.93
N PHE A 189 20.99 -5.83 -15.69
CA PHE A 189 19.55 -5.62 -15.66
C PHE A 189 19.27 -4.72 -16.86
N HIS A 190 18.27 -5.09 -17.66
CA HIS A 190 17.91 -4.32 -18.84
C HIS A 190 16.70 -3.42 -18.61
N LYS A 191 16.95 -2.12 -18.56
CA LYS A 191 15.90 -1.13 -18.34
C LYS A 191 15.01 -0.95 -19.59
N SER A 192 13.81 -0.41 -19.37
CA SER A 192 12.86 -0.20 -20.45
C SER A 192 13.35 0.72 -21.57
N ASP A 193 14.17 1.70 -21.22
CA ASP A 193 14.70 2.64 -22.20
C ASP A 193 15.80 2.03 -23.07
N GLY A 194 16.11 0.77 -22.80
CA GLY A 194 17.14 0.07 -23.55
C GLY A 194 18.51 0.08 -22.90
N SER A 195 18.69 0.88 -21.85
CA SER A 195 19.97 0.95 -21.16
C SER A 195 20.23 -0.30 -20.33
N THR A 196 21.47 -0.46 -19.87
CA THR A 196 21.84 -1.62 -19.08
C THR A 196 22.61 -1.18 -17.87
N VAL A 197 22.27 -1.75 -16.71
CA VAL A 197 22.96 -1.45 -15.45
C VAL A 197 23.39 -2.77 -14.79
N SER A 198 24.44 -2.70 -13.98
CA SER A 198 24.96 -3.87 -13.28
C SER A 198 24.48 -3.81 -11.84
N VAL A 199 23.67 -4.79 -11.43
CA VAL A 199 23.12 -4.82 -10.07
C VAL A 199 23.25 -6.17 -9.36
N PRO A 200 23.29 -6.15 -8.01
CA PRO A 200 23.41 -7.37 -7.20
C PRO A 200 22.13 -8.18 -7.34
N MET A 201 22.27 -9.45 -7.69
CA MET A 201 21.12 -10.34 -7.84
C MET A 201 21.28 -11.59 -7.00
N MET A 202 20.20 -11.95 -6.29
CA MET A 202 20.18 -13.14 -5.44
C MET A 202 19.77 -14.33 -6.31
N ALA A 203 20.22 -15.52 -5.93
CA ALA A 203 19.88 -16.71 -6.71
C ALA A 203 19.55 -17.88 -5.80
N GLN A 204 18.55 -18.65 -6.20
CA GLN A 204 18.12 -19.80 -5.43
C GLN A 204 17.42 -20.81 -6.32
N THR A 205 17.70 -22.08 -6.08
CA THR A 205 17.05 -23.17 -6.81
C THR A 205 16.17 -23.85 -5.78
N ASN A 206 14.90 -24.04 -6.11
CA ASN A 206 13.97 -24.65 -5.18
C ASN A 206 12.69 -24.96 -5.92
N LYS A 207 11.76 -25.64 -5.24
CA LYS A 207 10.46 -25.95 -5.81
C LYS A 207 9.55 -24.81 -5.37
N PHE A 208 9.27 -23.90 -6.29
CA PHE A 208 8.44 -22.74 -5.99
C PHE A 208 7.03 -22.92 -6.52
N ASN A 209 6.07 -22.29 -5.86
CA ASN A 209 4.70 -22.29 -6.33
C ASN A 209 4.82 -21.37 -7.55
N TYR A 210 4.42 -21.89 -8.70
CA TYR A 210 4.54 -21.15 -9.93
C TYR A 210 3.36 -21.36 -10.86
N THR A 211 3.14 -20.36 -11.73
CA THR A 211 2.10 -20.42 -12.74
C THR A 211 2.43 -19.42 -13.85
N GLU A 212 1.82 -19.64 -15.02
CA GLU A 212 2.05 -18.78 -16.16
C GLU A 212 0.73 -18.33 -16.76
N PHE A 213 0.51 -17.03 -16.80
CA PHE A 213 -0.72 -16.47 -17.36
C PHE A 213 -0.44 -15.81 -18.70
N THR A 214 -1.51 -15.39 -19.36
CA THR A 214 -1.40 -14.69 -20.64
C THR A 214 -2.25 -13.43 -20.57
N THR A 215 -1.73 -12.34 -21.14
CA THR A 215 -2.48 -11.10 -21.19
C THR A 215 -3.53 -11.34 -22.26
N PRO A 216 -4.65 -10.59 -22.23
CA PRO A 216 -5.71 -10.76 -23.23
C PRO A 216 -5.23 -10.70 -24.67
N ASP A 217 -4.14 -9.96 -24.93
CA ASP A 217 -3.60 -9.85 -26.27
C ASP A 217 -2.52 -10.89 -26.62
N GLY A 218 -2.40 -11.94 -25.81
CA GLY A 218 -1.46 -13.01 -26.10
C GLY A 218 -0.03 -13.07 -25.59
N HIS A 219 0.34 -12.27 -24.60
CA HIS A 219 1.70 -12.31 -24.09
C HIS A 219 1.74 -13.09 -22.78
N TYR A 220 2.60 -14.10 -22.71
CA TYR A 220 2.71 -14.89 -21.49
C TYR A 220 3.63 -14.23 -20.47
N TYR A 221 3.32 -14.47 -19.19
CA TYR A 221 4.12 -13.91 -18.11
C TYR A 221 4.19 -14.89 -16.95
N ASP A 222 5.33 -14.87 -16.26
CA ASP A 222 5.55 -15.75 -15.12
C ASP A 222 5.11 -15.11 -13.83
N ILE A 223 4.56 -15.90 -12.93
CA ILE A 223 4.17 -15.42 -11.61
C ILE A 223 4.77 -16.45 -10.69
N LEU A 224 5.57 -15.98 -9.73
CA LEU A 224 6.21 -16.88 -8.80
C LEU A 224 5.91 -16.44 -7.37
N GLU A 225 5.68 -17.40 -6.49
CA GLU A 225 5.39 -17.08 -5.10
C GLU A 225 6.56 -17.34 -4.16
N LEU A 226 6.91 -16.33 -3.36
CA LEU A 226 7.99 -16.44 -2.39
C LEU A 226 7.34 -16.29 -1.01
N PRO A 227 7.09 -17.41 -0.32
CA PRO A 227 6.49 -17.34 1.00
C PRO A 227 7.42 -16.91 2.12
N TYR A 228 6.85 -16.27 3.12
CA TYR A 228 7.59 -15.85 4.29
C TYR A 228 7.46 -17.01 5.29
N HIS A 229 8.40 -17.10 6.22
CA HIS A 229 8.44 -18.22 7.17
C HIS A 229 7.22 -18.55 8.00
N GLY A 230 6.31 -17.60 8.16
CA GLY A 230 5.12 -17.85 8.95
C GLY A 230 4.01 -18.53 8.17
N ASP A 231 4.21 -18.68 6.87
CA ASP A 231 3.24 -19.33 5.97
C ASP A 231 1.90 -18.63 5.75
N THR A 232 1.76 -17.39 6.21
CA THR A 232 0.51 -16.66 6.01
C THR A 232 0.70 -15.51 5.02
N LEU A 233 1.95 -15.06 4.88
CA LEU A 233 2.29 -13.96 3.97
C LEU A 233 3.19 -14.45 2.85
N SER A 234 3.08 -13.80 1.68
CA SER A 234 3.88 -14.16 0.52
C SER A 234 4.15 -12.97 -0.36
N MET A 235 5.23 -13.07 -1.13
CA MET A 235 5.55 -12.05 -2.11
C MET A 235 5.43 -12.71 -3.46
N PHE A 236 4.61 -12.13 -4.33
CA PHE A 236 4.45 -12.65 -5.68
C PHE A 236 5.25 -11.74 -6.59
N ILE A 237 6.04 -12.33 -7.49
CA ILE A 237 6.79 -11.52 -8.45
C ILE A 237 6.34 -11.95 -9.84
N ALA A 238 6.07 -10.97 -10.70
CA ALA A 238 5.59 -11.24 -12.04
C ALA A 238 6.29 -10.38 -13.08
N ALA A 239 6.48 -10.95 -14.27
CA ALA A 239 7.11 -10.25 -15.37
C ALA A 239 6.85 -10.99 -16.66
N PRO A 240 6.76 -10.26 -17.79
CA PRO A 240 6.51 -10.88 -19.09
C PRO A 240 7.68 -11.80 -19.45
N TYR A 241 7.37 -12.90 -20.14
CA TYR A 241 8.39 -13.85 -20.56
C TYR A 241 9.31 -13.21 -21.60
N GLU A 242 8.70 -12.57 -22.59
CA GLU A 242 9.40 -11.90 -23.68
C GLU A 242 9.93 -10.56 -23.18
N LYS A 243 11.23 -10.34 -23.36
CA LYS A 243 11.87 -9.10 -22.91
C LYS A 243 11.41 -7.84 -23.66
N GLU A 244 10.82 -8.04 -24.83
CA GLU A 244 10.34 -6.92 -25.65
C GLU A 244 8.98 -6.40 -25.15
N VAL A 245 8.26 -7.23 -24.40
CA VAL A 245 6.95 -6.85 -23.86
C VAL A 245 7.13 -6.00 -22.60
N PRO A 246 6.54 -4.78 -22.58
CA PRO A 246 6.65 -3.87 -21.44
C PRO A 246 5.81 -4.32 -20.24
N LEU A 247 6.28 -3.97 -19.04
CA LEU A 247 5.59 -4.31 -17.81
C LEU A 247 4.19 -3.71 -17.81
N SER A 248 4.00 -2.58 -18.51
CA SER A 248 2.70 -1.91 -18.58
C SER A 248 1.59 -2.84 -19.09
N ALA A 249 1.98 -3.86 -19.85
CA ALA A 249 1.03 -4.83 -20.37
C ALA A 249 0.34 -5.55 -19.21
N LEU A 250 1.07 -5.71 -18.11
CA LEU A 250 0.52 -6.36 -16.92
C LEU A 250 -0.20 -5.40 -16.00
N THR A 251 0.40 -4.24 -15.75
CA THR A 251 -0.19 -3.25 -14.86
C THR A 251 -1.55 -2.75 -15.35
N ASN A 252 -1.79 -2.83 -16.65
CA ASN A 252 -3.06 -2.41 -17.23
C ASN A 252 -4.21 -3.39 -16.98
N ILE A 253 -3.91 -4.65 -16.68
CA ILE A 253 -4.95 -5.65 -16.43
C ILE A 253 -5.00 -6.09 -14.97
N LEU A 254 -4.20 -5.42 -14.14
CA LEU A 254 -4.11 -5.72 -12.71
C LEU A 254 -5.40 -5.50 -11.93
N SER A 255 -5.68 -6.42 -11.00
CA SER A 255 -6.85 -6.35 -10.15
C SER A 255 -6.62 -7.29 -8.98
N ALA A 256 -7.30 -7.07 -7.87
CA ALA A 256 -7.15 -7.93 -6.70
C ALA A 256 -7.58 -9.36 -7.05
N GLN A 257 -8.57 -9.48 -7.92
CA GLN A 257 -9.09 -10.79 -8.34
C GLN A 257 -8.07 -11.56 -9.16
N LEU A 258 -7.35 -10.86 -10.04
CA LEU A 258 -6.33 -11.48 -10.86
C LEU A 258 -5.25 -12.09 -9.96
N ILE A 259 -4.86 -11.34 -8.93
CA ILE A 259 -3.86 -11.79 -7.95
C ILE A 259 -4.34 -13.06 -7.24
N SER A 260 -5.63 -13.13 -6.92
CA SER A 260 -6.19 -14.31 -6.28
C SER A 260 -6.14 -15.49 -7.24
N HIS A 261 -6.39 -15.21 -8.52
CA HIS A 261 -6.37 -16.24 -9.54
C HIS A 261 -4.96 -16.80 -9.75
N TRP A 262 -3.94 -15.94 -9.58
CA TRP A 262 -2.56 -16.39 -9.72
C TRP A 262 -2.29 -17.45 -8.65
N LYS A 263 -2.58 -17.08 -7.40
CA LYS A 263 -2.37 -17.94 -6.24
C LYS A 263 -3.15 -19.24 -6.34
N GLY A 264 -4.37 -19.17 -6.83
CA GLY A 264 -5.19 -20.36 -6.96
C GLY A 264 -4.74 -21.32 -8.05
N ASN A 265 -4.05 -20.80 -9.06
CA ASN A 265 -3.57 -21.61 -10.17
C ASN A 265 -2.14 -22.11 -10.04
N MET A 266 -1.54 -21.90 -8.87
CA MET A 266 -0.16 -22.33 -8.65
C MET A 266 0.08 -23.80 -8.41
N THR A 267 1.24 -24.24 -8.91
CA THR A 267 1.69 -25.61 -8.80
C THR A 267 3.16 -25.54 -8.38
N ARG A 268 3.55 -26.37 -7.43
CA ARG A 268 4.93 -26.38 -6.95
C ARG A 268 5.85 -27.04 -7.97
N LEU A 269 6.73 -26.25 -8.59
CA LEU A 269 7.65 -26.74 -9.60
C LEU A 269 9.08 -26.29 -9.34
N PRO A 270 10.07 -27.12 -9.72
CA PRO A 270 11.49 -26.78 -9.52
C PRO A 270 11.89 -25.68 -10.51
N ARG A 271 12.50 -24.62 -9.96
CA ARG A 271 12.93 -23.49 -10.77
C ARG A 271 14.16 -22.85 -10.17
N LEU A 272 14.98 -22.24 -11.02
CA LEU A 272 16.16 -21.51 -10.58
C LEU A 272 15.71 -20.05 -10.68
N LEU A 273 15.64 -19.37 -9.55
CA LEU A 273 15.21 -17.98 -9.54
C LEU A 273 16.37 -17.03 -9.32
N VAL A 274 16.50 -16.04 -10.20
CA VAL A 274 17.51 -15.01 -10.08
C VAL A 274 16.72 -13.72 -9.94
N LEU A 275 16.82 -13.13 -8.75
CA LEU A 275 16.08 -11.92 -8.41
C LEU A 275 16.96 -10.82 -7.84
N PRO A 276 16.88 -9.62 -8.42
CA PRO A 276 17.68 -8.49 -7.92
C PRO A 276 17.26 -8.11 -6.49
N LYS A 277 18.24 -7.78 -5.65
CA LYS A 277 17.89 -7.33 -4.31
C LYS A 277 17.73 -5.83 -4.51
N PHE A 278 16.73 -5.25 -3.86
CA PHE A 278 16.48 -3.82 -4.02
C PHE A 278 16.05 -3.10 -2.76
N SER A 279 16.28 -1.80 -2.77
CA SER A 279 15.94 -0.92 -1.67
C SER A 279 15.35 0.30 -2.34
N LEU A 280 14.03 0.44 -2.24
CA LEU A 280 13.29 1.53 -2.86
C LEU A 280 12.50 2.39 -1.88
N GLU A 281 12.40 3.67 -2.22
CA GLU A 281 11.64 4.62 -1.42
C GLU A 281 11.00 5.58 -2.40
N THR A 282 9.67 5.65 -2.39
CA THR A 282 8.96 6.56 -3.27
C THR A 282 7.86 7.33 -2.54
N GLU A 283 7.58 8.52 -3.04
CA GLU A 283 6.53 9.37 -2.50
C GLU A 283 5.63 9.64 -3.68
N VAL A 284 4.36 9.27 -3.56
CA VAL A 284 3.42 9.44 -4.65
C VAL A 284 2.30 10.41 -4.26
N ASP A 285 1.94 11.27 -5.21
CA ASP A 285 0.85 12.21 -5.00
C ASP A 285 -0.40 11.48 -5.44
N LEU A 286 -1.37 11.41 -4.54
CA LEU A 286 -2.61 10.69 -4.80
C LEU A 286 -3.75 11.51 -5.37
N ARG A 287 -3.56 12.82 -5.53
CA ARG A 287 -4.63 13.70 -6.03
C ARG A 287 -5.27 13.31 -7.36
N LYS A 288 -4.48 13.21 -8.42
CA LYS A 288 -5.03 12.83 -9.72
C LYS A 288 -5.56 11.40 -9.73
N PRO A 289 -4.82 10.45 -9.12
CA PRO A 289 -5.35 9.07 -9.11
C PRO A 289 -6.73 8.99 -8.44
N LEU A 290 -6.93 9.72 -7.34
CA LEU A 290 -8.20 9.72 -6.63
C LEU A 290 -9.31 10.43 -7.42
N GLU A 291 -8.95 11.53 -8.08
CA GLU A 291 -9.93 12.26 -8.89
C GLU A 291 -10.39 11.41 -10.06
N ASN A 292 -9.46 10.64 -10.64
CA ASN A 292 -9.76 9.77 -11.76
C ASN A 292 -10.73 8.67 -11.38
N LEU A 293 -10.73 8.30 -10.09
CA LEU A 293 -11.64 7.27 -9.61
C LEU A 293 -12.94 7.90 -9.11
N GLY A 294 -13.12 9.18 -9.44
CA GLY A 294 -14.34 9.88 -9.07
C GLY A 294 -14.40 10.71 -7.81
N MET A 295 -13.32 10.79 -7.04
CA MET A 295 -13.33 11.58 -5.81
C MET A 295 -12.79 12.98 -6.07
N THR A 296 -13.64 13.83 -6.64
CA THR A 296 -13.29 15.18 -6.99
C THR A 296 -13.70 16.25 -5.99
N ASP A 297 -14.88 16.10 -5.40
CA ASP A 297 -15.41 17.08 -4.44
C ASP A 297 -14.52 17.40 -3.25
N MET A 298 -13.95 16.37 -2.62
CA MET A 298 -13.12 16.56 -1.44
C MET A 298 -11.94 17.49 -1.60
N PHE A 299 -11.46 17.65 -2.83
CA PHE A 299 -10.32 18.52 -3.13
C PHE A 299 -10.69 19.98 -3.37
N ARG A 300 -11.97 20.26 -3.57
CA ARG A 300 -12.42 21.62 -3.86
C ARG A 300 -12.95 22.41 -2.68
N GLN A 301 -12.32 23.56 -2.46
CA GLN A 301 -12.66 24.49 -1.39
C GLN A 301 -14.17 24.74 -1.25
N PHE A 302 -14.85 24.95 -2.38
CA PHE A 302 -16.28 25.26 -2.36
C PHE A 302 -17.27 24.12 -2.56
N GLN A 303 -16.75 22.90 -2.78
CA GLN A 303 -17.62 21.75 -2.97
C GLN A 303 -17.47 20.68 -1.89
N ALA A 304 -16.30 20.62 -1.28
CA ALA A 304 -16.03 19.62 -0.24
C ALA A 304 -16.98 19.73 0.94
N ASP A 305 -17.38 18.58 1.46
CA ASP A 305 -18.30 18.49 2.60
C ASP A 305 -17.65 17.69 3.73
N PHE A 306 -17.27 18.37 4.81
CA PHE A 306 -16.66 17.73 5.99
C PHE A 306 -17.52 17.92 7.23
N THR A 307 -18.83 18.05 7.02
CA THR A 307 -19.78 18.27 8.11
C THR A 307 -19.95 17.12 9.08
N SER A 308 -19.46 15.93 8.72
CA SER A 308 -19.57 14.81 9.63
C SER A 308 -18.51 14.97 10.72
N LEU A 309 -17.52 15.81 10.44
CA LEU A 309 -16.43 16.09 11.39
C LEU A 309 -16.70 17.39 12.13
N SER A 310 -16.99 18.45 11.38
CA SER A 310 -17.24 19.76 11.97
C SER A 310 -18.07 20.70 11.11
N ASP A 311 -18.87 21.52 11.77
CA ASP A 311 -19.73 22.52 11.13
C ASP A 311 -19.06 23.89 11.16
N GLN A 312 -18.15 24.06 12.12
CA GLN A 312 -17.44 25.31 12.35
C GLN A 312 -16.91 26.02 11.12
N GLU A 313 -16.23 25.31 10.24
CA GLU A 313 -15.67 25.92 9.04
C GLU A 313 -15.51 24.95 7.87
N PRO A 314 -15.54 25.47 6.63
CA PRO A 314 -15.40 24.62 5.45
C PRO A 314 -13.96 24.13 5.29
N LEU A 315 -13.81 22.83 5.05
CA LEU A 315 -12.50 22.21 4.87
C LEU A 315 -12.44 21.56 3.51
N HIS A 316 -11.22 21.27 3.06
CA HIS A 316 -11.02 20.61 1.79
C HIS A 316 -9.66 19.94 1.87
N VAL A 317 -9.49 18.84 1.15
CA VAL A 317 -8.22 18.12 1.12
C VAL A 317 -7.22 18.93 0.32
N ALA A 318 -6.16 19.37 1.00
CA ALA A 318 -5.10 20.16 0.38
C ALA A 318 -4.05 19.28 -0.24
N GLN A 319 -3.74 18.18 0.44
CA GLN A 319 -2.71 17.27 -0.03
C GLN A 319 -3.03 15.82 0.33
N ALA A 320 -2.75 14.91 -0.59
CA ALA A 320 -2.98 13.49 -0.37
C ALA A 320 -1.81 12.73 -0.98
N LEU A 321 -0.93 12.21 -0.14
CA LEU A 321 0.22 11.48 -0.65
C LEU A 321 0.61 10.30 0.22
N GLN A 322 1.43 9.44 -0.35
CA GLN A 322 1.87 8.25 0.36
C GLN A 322 3.37 8.11 0.19
N LYS A 323 4.06 7.83 1.28
CA LYS A 323 5.51 7.64 1.25
C LYS A 323 5.74 6.20 1.68
N VAL A 324 6.36 5.42 0.80
CA VAL A 324 6.61 4.01 1.07
C VAL A 324 8.08 3.66 0.91
N LYS A 325 8.56 2.73 1.73
CA LYS A 325 9.94 2.29 1.69
C LYS A 325 9.99 0.77 1.77
N ILE A 326 10.85 0.14 0.97
CA ILE A 326 10.98 -1.32 0.99
C ILE A 326 12.40 -1.78 0.68
N GLU A 327 12.87 -2.78 1.42
CA GLU A 327 14.19 -3.35 1.21
C GLU A 327 14.05 -4.85 1.16
N VAL A 328 14.55 -5.44 0.09
CA VAL A 328 14.48 -6.89 -0.10
C VAL A 328 15.90 -7.44 -0.17
N ASN A 329 16.19 -8.43 0.67
CA ASN A 329 17.50 -9.06 0.68
C ASN A 329 17.45 -10.58 0.88
N GLU A 330 18.62 -11.19 1.05
CA GLU A 330 18.76 -12.64 1.22
C GLU A 330 18.05 -13.27 2.40
N SER A 331 18.16 -12.63 3.56
CA SER A 331 17.58 -13.15 4.80
C SER A 331 17.27 -11.97 5.72
N GLY A 332 16.24 -12.10 6.54
CA GLY A 332 15.84 -11.00 7.40
C GLY A 332 16.11 -10.98 8.90
N THR A 333 15.64 -9.87 9.50
CA THR A 333 15.72 -9.51 10.92
C THR A 333 17.12 -9.20 11.48
N ALA A 348 17.29 -30.67 -15.28
CA ALA A 348 17.66 -29.32 -14.76
C ALA A 348 16.42 -28.40 -14.64
N PRO A 349 16.42 -27.50 -13.64
CA PRO A 349 15.30 -26.58 -13.41
C PRO A 349 15.25 -25.48 -14.47
N GLU A 350 14.05 -25.08 -14.86
CA GLU A 350 13.90 -24.01 -15.84
C GLU A 350 14.32 -22.73 -15.13
N GLU A 351 14.92 -21.81 -15.87
CA GLU A 351 15.41 -20.56 -15.29
C GLU A 351 14.46 -19.37 -15.39
N ILE A 352 14.32 -18.68 -14.27
CA ILE A 352 13.48 -17.49 -14.21
C ILE A 352 14.41 -16.39 -13.71
N ILE A 353 14.85 -15.54 -14.62
CA ILE A 353 15.75 -14.44 -14.28
C ILE A 353 15.06 -13.10 -14.43
N MET A 354 14.94 -12.38 -13.32
CA MET A 354 14.31 -11.06 -13.32
C MET A 354 15.34 -9.97 -13.67
N ASP A 355 15.80 -9.99 -14.91
CA ASP A 355 16.78 -9.01 -15.39
C ASP A 355 16.14 -7.94 -16.29
N ARG A 356 14.89 -7.66 -15.98
CA ARG A 356 14.07 -6.68 -16.71
C ARG A 356 13.01 -6.21 -15.69
N PRO A 357 12.34 -5.07 -15.96
CA PRO A 357 11.31 -4.56 -15.06
C PRO A 357 10.27 -5.60 -14.66
N PHE A 358 9.95 -5.64 -13.36
CA PHE A 358 8.99 -6.59 -12.84
C PHE A 358 8.11 -6.03 -11.74
N LEU A 359 7.02 -6.74 -11.49
CA LEU A 359 6.04 -6.37 -10.49
C LEU A 359 6.18 -7.26 -9.25
N PHE A 360 5.90 -6.72 -8.09
CA PHE A 360 5.94 -7.50 -6.85
C PHE A 360 4.70 -7.16 -6.02
N VAL A 361 4.20 -8.13 -5.29
CA VAL A 361 3.01 -7.96 -4.44
C VAL A 361 3.20 -8.71 -3.13
N VAL A 362 3.01 -8.03 -2.01
CA VAL A 362 3.11 -8.67 -0.70
C VAL A 362 1.66 -8.84 -0.25
N ARG A 363 1.28 -10.08 0.01
CA ARG A 363 -0.10 -10.40 0.38
C ARG A 363 -0.26 -11.29 1.61
N HIS A 364 -1.26 -10.98 2.43
CA HIS A 364 -1.59 -11.78 3.60
C HIS A 364 -2.63 -12.75 3.03
N ASN A 365 -2.21 -13.97 2.72
CA ASN A 365 -3.08 -14.96 2.11
C ASN A 365 -4.37 -15.38 2.80
N PRO A 366 -4.37 -15.54 4.13
CA PRO A 366 -5.62 -15.94 4.81
C PRO A 366 -6.76 -14.93 4.59
N THR A 367 -6.45 -13.64 4.64
CA THR A 367 -7.46 -12.60 4.46
C THR A 367 -7.57 -12.03 3.04
N GLY A 368 -6.50 -12.17 2.27
CA GLY A 368 -6.49 -11.64 0.91
C GLY A 368 -6.11 -10.17 0.89
N THR A 369 -5.45 -9.71 1.95
CA THR A 369 -5.03 -8.32 2.06
C THR A 369 -3.73 -8.04 1.31
N VAL A 370 -3.79 -7.12 0.35
CA VAL A 370 -2.61 -6.73 -0.42
C VAL A 370 -1.99 -5.56 0.34
N LEU A 371 -0.92 -5.84 1.06
CA LEU A 371 -0.21 -4.84 1.87
C LEU A 371 0.68 -3.89 1.11
N PHE A 372 1.50 -4.44 0.22
CA PHE A 372 2.43 -3.65 -0.59
C PHE A 372 2.50 -4.21 -2.00
N MET A 373 2.84 -3.34 -2.94
CA MET A 373 3.00 -3.75 -4.33
C MET A 373 3.80 -2.67 -5.03
N GLY A 374 4.43 -3.01 -6.13
CA GLY A 374 5.22 -2.02 -6.82
C GLY A 374 5.84 -2.54 -8.08
N GLN A 375 6.43 -1.64 -8.84
CA GLN A 375 7.11 -1.99 -10.07
C GLN A 375 8.56 -1.56 -9.93
N VAL A 376 9.46 -2.51 -10.18
CA VAL A 376 10.88 -2.26 -10.09
C VAL A 376 11.39 -2.00 -11.50
N MET A 377 11.57 -0.71 -11.84
CA MET A 377 12.05 -0.33 -13.16
C MET A 377 13.57 -0.25 -13.21
N GLU A 378 14.18 -0.07 -12.05
CA GLU A 378 15.63 0.00 -11.90
C GLU A 378 16.01 -0.27 -10.45
N PRO A 379 16.59 -1.45 -10.18
CA PRO A 379 17.03 -1.88 -8.85
C PRO A 379 18.11 -0.99 -8.22
C ACE B 1 13.36 -9.89 3.22
O ACE B 1 13.74 -9.49 2.11
CH3 ACE B 1 13.94 -11.16 3.82
N THR B 2 12.43 -9.28 3.93
CA THR B 2 11.78 -8.06 3.47
C THR B 2 11.37 -7.15 4.62
N VAL B 3 11.67 -5.87 4.49
CA VAL B 3 11.29 -4.88 5.48
C VAL B 3 10.58 -3.79 4.67
N ALA B 4 9.37 -3.42 5.09
CA ALA B 4 8.61 -2.40 4.38
C ALA B 4 7.77 -1.56 5.33
N SER B 5 7.57 -0.31 4.94
CA SER B 5 6.79 0.64 5.74
C SER B 5 6.10 1.63 4.83
N SER B 6 4.95 2.10 5.29
CA SER B 6 4.16 3.07 4.56
C SER B 6 3.69 4.15 5.53
N NH2 B 7 3.86 5.44 5.32
C ACE C 1 -1.36 12.60 4.07
O ACE C 1 -0.98 13.37 3.19
CH3 ACE C 1 -0.36 11.68 4.79
N THR C 2 -2.63 12.49 4.44
CA THR C 2 -3.69 13.32 3.86
C THR C 2 -3.98 14.52 4.75
N VAL C 3 -3.83 15.70 4.17
CA VAL C 3 -4.02 16.95 4.89
C VAL C 3 -5.27 17.71 4.41
N ALA C 4 -6.07 18.17 5.35
CA ALA C 4 -7.26 18.94 5.02
C ALA C 4 -7.07 20.31 5.68
N SER C 5 -7.35 21.36 4.92
CA SER C 5 -7.19 22.71 5.45
C SER C 5 -8.45 23.55 5.30
N SER C 6 -8.45 24.74 5.91
CA SER C 6 -9.58 25.66 5.83
C SER C 6 -9.64 26.35 4.45
N NH2 C 7 -10.80 26.09 3.80
C1 NAG D . -7.25 -19.76 -12.39
C2 NAG D . -8.35 -19.61 -11.38
C3 NAG D . -9.67 -19.45 -12.09
C4 NAG D . -9.65 -18.37 -13.16
C5 NAG D . -8.38 -18.45 -14.03
C6 NAG D . -8.15 -17.18 -14.82
C7 NAG D . -8.30 -20.62 -9.19
C8 NAG D . -8.39 -21.92 -8.44
N2 NAG D . -8.42 -20.78 -10.50
O3 NAG D . -10.66 -19.16 -11.08
O4 NAG D . -10.75 -18.55 -14.05
O5 NAG D . -7.21 -18.65 -13.22
O6 NAG D . -6.95 -17.31 -15.62
O7 NAG D . -8.15 -19.54 -8.64
C1 NAG D . -12.03 -18.03 -13.77
C2 NAG D . -12.66 -17.55 -15.06
C3 NAG D . -14.05 -17.02 -14.79
C4 NAG D . -14.89 -18.07 -14.09
C5 NAG D . -14.16 -18.61 -12.84
C6 NAG D . -14.84 -19.83 -12.23
C7 NAG D . -11.21 -16.68 -16.80
C8 NAG D . -10.42 -15.48 -17.26
N2 NAG D . -11.84 -16.48 -15.65
O3 NAG D . -14.65 -16.64 -16.05
O4 NAG D . -16.14 -17.52 -13.68
O5 NAG D . -12.82 -19.02 -13.19
O6 NAG D . -14.12 -20.27 -11.08
O7 NAG D . -11.25 -17.73 -17.45
C1 RIP D . -7.03 -18.12 -16.75
C2 RIP D . -6.24 -17.52 -17.90
C3 RIP D . -4.76 -17.52 -17.55
C4 RIP D . -4.29 -18.95 -17.28
C5 RIP D . -5.14 -19.54 -16.14
O2 RIP D . -6.68 -16.20 -18.15
O3 RIP D . -3.99 -16.95 -18.63
O4 RIP D . -4.43 -19.75 -18.44
O5 RIP D . -6.56 -19.45 -16.48
C1 NAG E . 2.01 -23.52 -2.38
C2 NAG E . 2.75 -23.28 -1.08
C3 NAG E . 2.05 -24.02 0.04
C4 NAG E . 0.57 -23.72 0.12
C5 NAG E . -0.11 -23.77 -1.27
C6 NAG E . -1.47 -23.10 -1.27
C7 NAG E . 5.12 -22.88 -1.27
C8 NAG E . 6.49 -23.54 -1.36
N2 NAG E . 4.13 -23.76 -1.17
O3 NAG E . 2.70 -23.65 1.28
O4 NAG E . -0.09 -24.67 0.95
O5 NAG E . 0.69 -23.07 -2.24
O6 NAG E . -2.06 -23.18 -2.59
O7 NAG E . 4.98 -21.66 -1.29
#